data_2NLY
#
_entry.id   2NLY
#
_cell.length_a   81.153
_cell.length_b   113.517
_cell.length_c   63.532
_cell.angle_alpha   90.00
_cell.angle_beta   90.00
_cell.angle_gamma   90.00
#
_symmetry.space_group_name_H-M   'C 2 2 21'
#
loop_
_entity.id
_entity.type
_entity.pdbx_description
1 polymer 'Divergent polysaccharide deacetylase hypothetical protein'
2 non-polymer 'ZINC ION'
3 water water
#
_entity_poly.entity_id   1
_entity_poly.type   'polypeptide(L)'
_entity_poly.pdbx_seq_one_letter_code
;GEMKRAAIIIDDFGGDVKGVDDFLTGEIPVTVAVMPFLEHSTKQAEIAQAAGLEVIVHMPLEPKKGKISWLGPSGITSNL
SVGEVKSRVRKAFDDIPYAVGLNNHMGSKIVENEKIMRAILEVVKEKNAFIIDSGTSPHSLIPQLAEELEVPYATRSIFL
DNTHSSRKEVIKNMRKLAKKAKQGSEPIGIGHVGVRGDETYAGIRSMLDEFQAESIQLVPVSQLLPSPIEEDHNKFWQQP
FQAKE
;
_entity_poly.pdbx_strand_id   A
#
# COMPACT_ATOMS: atom_id res chain seq x y z
N MET A 3 15.61 11.03 15.65
CA MET A 3 14.33 10.46 15.10
C MET A 3 14.54 9.07 14.51
N LYS A 4 13.42 8.37 14.34
CA LYS A 4 13.40 7.03 13.81
C LYS A 4 12.16 6.98 12.95
N ARG A 5 12.32 6.38 11.78
CA ARG A 5 11.31 6.44 10.76
C ARG A 5 10.40 5.23 10.78
N ALA A 6 9.17 5.43 10.26
CA ALA A 6 8.21 4.39 9.92
C ALA A 6 7.27 4.92 8.85
N ALA A 7 6.59 4.03 8.14
CA ALA A 7 5.66 4.44 7.10
C ALA A 7 4.34 3.69 7.24
N ILE A 8 3.26 4.39 6.94
CA ILE A 8 1.93 3.78 6.89
C ILE A 8 1.36 3.88 5.48
N ILE A 9 0.90 2.74 4.97
CA ILE A 9 0.18 2.69 3.73
C ILE A 9 -1.31 2.44 4.06
N ILE A 10 -2.20 3.21 3.42
CA ILE A 10 -3.63 2.98 3.56
C ILE A 10 -4.16 2.47 2.24
N ASP A 11 -4.64 1.22 2.26
CA ASP A 11 -5.06 0.55 1.04
C ASP A 11 -6.50 0.86 0.66
N ASP A 12 -6.85 0.49 -0.57
CA ASP A 12 -8.26 0.38 -0.96
C ASP A 12 -8.99 1.68 -1.31
N PHE A 13 -8.24 2.72 -1.69
CA PHE A 13 -8.86 3.97 -2.19
C PHE A 13 -9.40 3.70 -3.57
N GLY A 14 -10.30 4.54 -4.05
CA GLY A 14 -10.73 4.43 -5.45
C GLY A 14 -12.19 4.69 -5.50
N GLY A 15 -12.89 4.22 -4.45
CA GLY A 15 -14.35 4.36 -4.32
C GLY A 15 -14.70 5.30 -3.20
N ASP A 16 -15.99 5.47 -2.95
CA ASP A 16 -16.47 6.37 -1.91
C ASP A 16 -16.79 5.53 -0.72
N VAL A 17 -15.77 5.23 0.05
CA VAL A 17 -15.96 4.38 1.24
C VAL A 17 -15.52 5.17 2.47
N LYS A 18 -15.89 4.70 3.65
CA LYS A 18 -15.61 5.43 4.88
C LYS A 18 -14.11 5.63 5.11
N GLY A 19 -13.75 6.83 5.53
CA GLY A 19 -12.35 7.18 5.80
C GLY A 19 -11.62 7.92 4.70
N VAL A 20 -12.12 7.91 3.47
CA VAL A 20 -11.30 8.46 2.41
C VAL A 20 -11.17 9.97 2.50
N ASP A 21 -12.25 10.68 2.68
CA ASP A 21 -12.15 12.12 2.82
C ASP A 21 -11.19 12.51 3.93
N ASP A 22 -11.28 11.83 5.09
CA ASP A 22 -10.43 12.09 6.24
C ASP A 22 -8.94 11.90 5.88
N PHE A 23 -8.59 10.75 5.32
CA PHE A 23 -7.22 10.58 4.92
C PHE A 23 -6.79 11.58 3.84
N LEU A 24 -7.70 11.93 2.92
CA LEU A 24 -7.28 12.74 1.79
C LEU A 24 -6.98 14.23 2.11
N THR A 25 -7.27 14.68 3.32
CA THR A 25 -6.93 16.04 3.72
C THR A 25 -5.45 16.20 4.00
N GLY A 26 -4.82 15.13 4.42
CA GLY A 26 -3.37 15.06 4.44
C GLY A 26 -2.79 15.50 5.76
N GLU A 27 -3.57 15.41 6.81
CA GLU A 27 -3.09 15.71 8.16
C GLU A 27 -2.13 14.64 8.66
N ILE A 28 -2.37 13.40 8.25
CA ILE A 28 -1.47 12.32 8.58
C ILE A 28 -0.60 11.93 7.41
N PRO A 29 0.64 11.58 7.70
CA PRO A 29 1.61 11.22 6.69
C PRO A 29 1.51 9.76 6.32
N VAL A 30 0.66 9.50 5.36
CA VAL A 30 0.42 8.15 4.88
C VAL A 30 0.67 8.15 3.37
N THR A 31 0.87 6.96 2.82
CA THR A 31 0.92 6.73 1.42
C THR A 31 -0.45 6.17 1.09
N VAL A 32 -0.98 6.64 -0.05
CA VAL A 32 -2.26 6.30 -0.51
C VAL A 32 -2.12 5.22 -1.59
N ALA A 33 -2.78 4.07 -1.40
CA ALA A 33 -2.81 2.99 -2.40
C ALA A 33 -4.18 2.94 -3.07
N VAL A 34 -4.24 3.39 -4.32
CA VAL A 34 -5.49 3.52 -5.02
C VAL A 34 -5.70 2.29 -5.90
N MET A 35 -6.84 1.61 -5.76
CA MET A 35 -7.28 0.62 -6.74
C MET A 35 -7.73 1.37 -7.98
N PRO A 36 -7.31 0.91 -9.17
CA PRO A 36 -7.67 1.55 -10.40
C PRO A 36 -8.98 1.12 -11.00
N PHE A 37 -9.40 1.87 -12.01
CA PHE A 37 -10.59 1.59 -12.78
C PHE A 37 -11.87 1.74 -11.95
N LEU A 38 -11.79 2.49 -10.86
CA LEU A 38 -13.02 2.74 -10.10
C LEU A 38 -13.43 4.14 -10.47
N GLU A 39 -14.66 4.50 -10.12
CA GLU A 39 -15.18 5.82 -10.46
C GLU A 39 -14.23 6.99 -10.09
N HIS A 40 -13.65 6.97 -8.88
CA HIS A 40 -12.81 8.08 -8.43
C HIS A 40 -11.32 7.74 -8.28
N SER A 41 -10.85 6.69 -8.96
CA SER A 41 -9.47 6.26 -8.76
C SER A 41 -8.55 7.44 -9.11
N THR A 42 -8.68 7.97 -10.34
CA THR A 42 -7.85 9.04 -10.85
C THR A 42 -7.96 10.29 -9.96
N LYS A 43 -9.16 10.66 -9.54
CA LYS A 43 -9.38 11.89 -8.83
C LYS A 43 -8.86 11.83 -7.41
N GLN A 44 -9.13 10.73 -6.72
CA GLN A 44 -8.54 10.57 -5.39
C GLN A 44 -7.02 10.64 -5.46
N ALA A 45 -6.45 10.16 -6.57
CA ALA A 45 -5.02 10.17 -6.74
C ALA A 45 -4.55 11.62 -6.85
N GLU A 46 -5.37 12.42 -7.54
CA GLU A 46 -5.09 13.82 -7.77
C GLU A 46 -5.23 14.65 -6.53
N ILE A 47 -6.21 14.31 -5.69
CA ILE A 47 -6.42 14.97 -4.40
C ILE A 47 -5.32 14.58 -3.44
N ALA A 48 -4.84 13.34 -3.54
CA ALA A 48 -3.79 12.94 -2.60
C ALA A 48 -2.53 13.75 -2.89
N GLN A 49 -2.20 13.90 -4.18
CA GLN A 49 -1.04 14.64 -4.62
C GLN A 49 -1.11 16.10 -4.18
N ALA A 50 -2.26 16.74 -4.31
CA ALA A 50 -2.37 18.16 -4.00
C ALA A 50 -2.28 18.44 -2.50
N ALA A 51 -2.65 17.45 -1.70
CA ALA A 51 -2.59 17.48 -0.24
C ALA A 51 -1.24 16.96 0.19
N GLY A 52 -0.38 16.67 -0.77
CA GLY A 52 1.00 16.33 -0.42
C GLY A 52 1.26 14.93 0.11
N LEU A 53 0.48 13.95 -0.35
CA LEU A 53 0.62 12.55 0.06
C LEU A 53 1.12 11.74 -1.10
N GLU A 54 2.00 10.78 -0.81
CA GLU A 54 2.47 9.86 -1.84
C GLU A 54 1.32 8.90 -2.22
N VAL A 55 1.42 8.34 -3.43
CA VAL A 55 0.38 7.53 -4.04
C VAL A 55 1.01 6.31 -4.71
N ILE A 56 0.42 5.15 -4.55
CA ILE A 56 0.86 3.99 -5.25
C ILE A 56 -0.38 3.29 -5.73
N VAL A 57 -0.18 2.31 -6.60
CA VAL A 57 -1.23 1.63 -7.25
C VAL A 57 -1.52 0.50 -6.35
N HIS A 58 -2.79 0.31 -6.07
CA HIS A 58 -3.21 -0.84 -5.34
C HIS A 58 -3.79 -1.86 -6.31
N MET A 59 -2.96 -2.82 -6.68
CA MET A 59 -3.25 -3.68 -7.82
C MET A 59 -3.99 -4.93 -7.41
N PRO A 60 -5.22 -5.10 -7.92
CA PRO A 60 -6.06 -6.27 -7.62
C PRO A 60 -5.55 -7.55 -8.29
N LEU A 61 -5.11 -8.51 -7.44
CA LEU A 61 -4.73 -9.85 -7.87
C LEU A 61 -5.66 -10.86 -7.19
N GLU A 62 -5.90 -11.99 -7.86
CA GLU A 62 -6.77 -13.04 -7.32
C GLU A 62 -6.19 -13.71 -6.06
N PRO A 63 -7.04 -13.97 -5.05
CA PRO A 63 -6.73 -14.84 -3.90
C PRO A 63 -6.82 -16.31 -4.25
N LYS A 64 -6.60 -17.18 -3.26
CA LYS A 64 -6.91 -18.59 -3.39
C LYS A 64 -8.41 -18.78 -3.16
N PRO A 73 -12.29 -5.15 -11.21
CA PRO A 73 -12.39 -6.35 -12.04
C PRO A 73 -12.06 -6.22 -13.56
N SER A 74 -11.03 -5.44 -13.84
CA SER A 74 -10.11 -5.78 -14.92
C SER A 74 -8.80 -6.09 -14.20
N GLY A 75 -8.89 -7.02 -13.24
CA GLY A 75 -7.75 -7.38 -12.40
C GLY A 75 -6.97 -8.58 -12.89
N ILE A 76 -6.00 -9.00 -12.09
CA ILE A 76 -5.07 -10.00 -12.54
C ILE A 76 -5.53 -11.34 -12.05
N THR A 77 -5.89 -12.20 -13.01
CA THR A 77 -6.29 -13.57 -12.73
C THR A 77 -5.27 -14.54 -13.28
N SER A 78 -5.30 -15.76 -12.74
CA SER A 78 -4.43 -16.88 -13.09
C SER A 78 -4.44 -17.23 -14.57
N ASN A 79 -5.57 -16.98 -15.22
CA ASN A 79 -5.79 -17.42 -16.59
C ASN A 79 -5.37 -16.41 -17.65
N LEU A 80 -4.69 -15.34 -17.24
CA LEU A 80 -4.22 -14.33 -18.19
C LEU A 80 -2.87 -14.67 -18.86
N SER A 81 -2.70 -14.28 -20.13
CA SER A 81 -1.40 -14.28 -20.82
C SER A 81 -0.53 -13.20 -20.17
N VAL A 82 0.78 -13.42 -20.20
CA VAL A 82 1.77 -12.38 -19.85
C VAL A 82 1.42 -11.06 -20.51
N GLY A 83 1.09 -11.09 -21.81
CA GLY A 83 0.72 -9.89 -22.58
C GLY A 83 -0.46 -9.13 -22.00
N GLU A 84 -1.53 -9.85 -21.70
CA GLU A 84 -2.68 -9.28 -20.98
C GLU A 84 -2.32 -8.70 -19.60
N VAL A 85 -1.41 -9.34 -18.86
CA VAL A 85 -1.04 -8.85 -17.54
C VAL A 85 -0.33 -7.49 -17.64
N LYS A 86 0.72 -7.45 -18.47
CA LYS A 86 1.47 -6.19 -18.63
C LYS A 86 0.56 -5.05 -19.09
N SER A 87 -0.36 -5.37 -19.99
CA SER A 87 -1.32 -4.41 -20.48
C SER A 87 -2.20 -3.85 -19.35
N ARG A 88 -2.80 -4.74 -18.58
CA ARG A 88 -3.55 -4.35 -17.40
C ARG A 88 -2.76 -3.49 -16.41
N VAL A 89 -1.50 -3.85 -16.14
CA VAL A 89 -0.70 -3.08 -15.18
C VAL A 89 -0.28 -1.71 -15.76
N ARG A 90 0.12 -1.66 -17.02
CA ARG A 90 0.32 -0.37 -17.71
C ARG A 90 -0.90 0.59 -17.62
N LYS A 91 -2.11 0.06 -17.72
CA LYS A 91 -3.31 0.90 -17.64
C LYS A 91 -3.59 1.36 -16.23
N ALA A 92 -3.18 0.54 -15.25
CA ALA A 92 -3.41 0.91 -13.86
C ALA A 92 -2.51 2.10 -13.52
N PHE A 93 -1.26 2.06 -13.96
CA PHE A 93 -0.41 3.21 -13.77
C PHE A 93 -0.94 4.40 -14.48
N ASP A 94 -1.44 4.23 -15.70
CA ASP A 94 -1.97 5.37 -16.38
C ASP A 94 -3.14 5.93 -15.63
N ASP A 95 -3.89 5.08 -14.94
CA ASP A 95 -5.15 5.47 -14.33
C ASP A 95 -4.95 6.18 -13.02
N ILE A 96 -3.81 5.93 -12.37
CA ILE A 96 -3.39 6.51 -11.10
C ILE A 96 -2.22 7.55 -11.27
N PRO A 97 -2.54 8.80 -11.58
CA PRO A 97 -1.42 9.77 -11.70
C PRO A 97 -0.54 9.90 -10.44
N TYR A 98 0.75 10.24 -10.61
CA TYR A 98 1.65 10.45 -9.47
C TYR A 98 2.11 9.17 -8.78
N ALA A 99 1.54 8.04 -9.14
CA ALA A 99 1.94 6.74 -8.61
C ALA A 99 3.43 6.52 -8.80
N VAL A 100 4.14 6.29 -7.69
CA VAL A 100 5.55 6.05 -7.71
C VAL A 100 5.88 4.59 -7.40
N GLY A 101 4.86 3.77 -7.20
CA GLY A 101 5.07 2.39 -6.78
C GLY A 101 3.78 1.59 -6.85
N LEU A 102 3.84 0.33 -6.43
CA LEU A 102 2.68 -0.57 -6.54
C LEU A 102 2.61 -1.47 -5.33
N ASN A 103 1.38 -1.83 -5.00
CA ASN A 103 1.04 -2.63 -3.84
C ASN A 103 0.10 -3.73 -4.32
N ASN A 104 0.13 -4.88 -3.67
CA ASN A 104 -0.72 -6.00 -4.11
C ASN A 104 -2.01 -6.05 -3.32
N HIS A 105 -3.14 -5.86 -4.03
CA HIS A 105 -4.43 -6.03 -3.40
C HIS A 105 -4.73 -7.52 -3.40
N MET A 106 -4.73 -8.10 -2.21
CA MET A 106 -4.80 -9.55 -1.99
C MET A 106 -3.68 -10.22 -2.78
N GLY A 107 -4.04 -11.19 -3.62
CA GLY A 107 -3.07 -11.84 -4.47
C GLY A 107 -2.37 -13.03 -3.84
N SER A 108 -3.07 -13.69 -2.92
CA SER A 108 -2.57 -14.90 -2.26
C SER A 108 -1.89 -15.84 -3.23
N LYS A 109 -2.45 -15.95 -4.42
CA LYS A 109 -2.20 -17.08 -5.29
C LYS A 109 -1.36 -16.63 -6.45
N ILE A 110 -1.62 -15.41 -6.89
CA ILE A 110 -0.90 -14.81 -7.99
C ILE A 110 0.53 -14.53 -7.59
N VAL A 111 0.76 -14.49 -6.30
CA VAL A 111 2.04 -14.06 -5.80
C VAL A 111 2.99 -15.22 -5.69
N GLU A 112 2.47 -16.42 -5.92
CA GLU A 112 3.29 -17.61 -6.05
C GLU A 112 3.46 -18.01 -7.50
N ASN A 113 3.03 -17.14 -8.40
CA ASN A 113 3.04 -17.45 -9.82
C ASN A 113 4.18 -16.67 -10.44
N GLU A 114 5.26 -17.37 -10.79
CA GLU A 114 6.46 -16.73 -11.31
C GLU A 114 6.18 -16.03 -12.63
N LYS A 115 5.56 -16.77 -13.56
CA LYS A 115 5.22 -16.20 -14.85
C LYS A 115 4.53 -14.83 -14.71
N ILE A 116 3.51 -14.72 -13.85
CA ILE A 116 2.62 -13.53 -13.82
C ILE A 116 3.19 -12.40 -12.95
N MET A 117 3.81 -12.80 -11.86
CA MET A 117 4.50 -11.90 -10.97
C MET A 117 5.69 -11.28 -11.72
N ARG A 118 6.27 -12.03 -12.64
CA ARG A 118 7.39 -11.51 -13.42
C ARG A 118 6.88 -10.38 -14.28
N ALA A 119 5.88 -10.70 -15.09
CA ALA A 119 5.18 -9.68 -15.90
C ALA A 119 4.87 -8.46 -15.06
N ILE A 120 4.35 -8.65 -13.84
CA ILE A 120 3.95 -7.46 -13.09
C ILE A 120 5.18 -6.58 -12.81
N LEU A 121 6.23 -7.19 -12.29
CA LEU A 121 7.42 -6.48 -11.88
C LEU A 121 8.16 -5.84 -13.07
N GLU A 122 8.12 -6.48 -14.22
CA GLU A 122 8.60 -5.86 -15.46
C GLU A 122 7.91 -4.52 -15.80
N VAL A 123 6.60 -4.44 -15.68
CA VAL A 123 5.95 -3.13 -15.87
C VAL A 123 6.39 -2.12 -14.81
N VAL A 124 6.42 -2.54 -13.52
CA VAL A 124 6.82 -1.72 -12.43
C VAL A 124 8.20 -1.14 -12.72
N LYS A 125 9.12 -1.96 -13.22
CA LYS A 125 10.41 -1.49 -13.59
C LYS A 125 10.34 -0.50 -14.76
N GLU A 126 9.59 -0.83 -15.81
CA GLU A 126 9.37 0.14 -16.89
C GLU A 126 8.95 1.52 -16.44
N LYS A 127 8.34 1.58 -15.26
CA LYS A 127 7.77 2.80 -14.78
C LYS A 127 8.70 3.41 -13.76
N ASN A 128 9.89 2.80 -13.61
CA ASN A 128 10.81 3.19 -12.57
C ASN A 128 10.09 3.29 -11.22
N ALA A 129 9.25 2.31 -10.92
CA ALA A 129 8.55 2.36 -9.66
C ALA A 129 9.10 1.31 -8.70
N PHE A 130 8.70 1.32 -7.44
CA PHE A 130 9.07 0.24 -6.52
C PHE A 130 7.84 -0.63 -6.27
N ILE A 131 8.00 -1.61 -5.40
CA ILE A 131 6.89 -2.50 -5.11
C ILE A 131 6.91 -2.84 -3.63
N ILE A 132 5.71 -2.85 -3.03
CA ILE A 132 5.57 -3.23 -1.63
C ILE A 132 4.80 -4.54 -1.52
N ASP A 133 5.42 -5.51 -0.86
CA ASP A 133 4.76 -6.77 -0.63
C ASP A 133 3.86 -6.58 0.60
N SER A 134 2.57 -6.37 0.36
CA SER A 134 1.59 -6.32 1.43
C SER A 134 1.31 -7.77 1.80
N GLY A 135 1.98 -8.22 2.86
CA GLY A 135 2.25 -9.63 3.15
C GLY A 135 1.09 -10.62 3.15
N THR A 136 0.49 -10.79 1.98
CA THR A 136 -0.67 -11.67 1.84
C THR A 136 -0.32 -13.17 2.06
N SER A 137 0.93 -13.57 1.82
CA SER A 137 1.40 -14.96 2.07
C SER A 137 2.86 -15.25 1.65
N PRO A 138 3.45 -16.39 2.08
CA PRO A 138 4.05 -17.08 3.20
C PRO A 138 5.40 -17.57 2.60
N HIS A 139 5.42 -17.67 1.26
CA HIS A 139 6.59 -17.81 0.37
C HIS A 139 6.25 -16.96 -0.86
N SER A 140 6.12 -15.65 -0.63
CA SER A 140 5.89 -14.68 -1.71
C SER A 140 7.09 -14.64 -2.66
N LEU A 141 6.82 -14.46 -3.95
CA LEU A 141 7.93 -14.48 -4.92
C LEU A 141 8.49 -13.07 -5.18
N ILE A 142 7.78 -12.06 -4.70
CA ILE A 142 8.17 -10.67 -4.93
C ILE A 142 9.64 -10.37 -4.55
N PRO A 143 10.08 -10.73 -3.32
CA PRO A 143 11.46 -10.40 -2.99
C PRO A 143 12.50 -10.92 -3.98
N GLN A 144 12.40 -12.21 -4.30
CA GLN A 144 13.27 -12.88 -5.25
C GLN A 144 13.18 -12.21 -6.64
N LEU A 145 11.96 -12.02 -7.13
CA LEU A 145 11.75 -11.42 -8.43
C LEU A 145 12.19 -9.98 -8.51
N ALA A 146 11.89 -9.21 -7.48
CA ALA A 146 12.25 -7.79 -7.41
C ALA A 146 13.76 -7.63 -7.24
N GLU A 147 14.40 -8.60 -6.58
CA GLU A 147 15.84 -8.58 -6.53
C GLU A 147 16.51 -8.87 -7.88
N GLU A 148 15.95 -9.78 -8.69
CA GLU A 148 16.52 -10.14 -10.03
C GLU A 148 16.34 -9.04 -11.07
N LEU A 149 15.05 -8.80 -11.46
CA LEU A 149 14.70 -7.50 -12.03
C LEU A 149 15.02 -6.36 -11.06
N GLU A 150 15.59 -5.33 -11.32
CA GLU A 150 16.23 -4.57 -10.21
C GLU A 150 15.31 -3.52 -9.68
N VAL A 151 14.22 -4.01 -9.09
CA VAL A 151 13.11 -3.19 -8.66
C VAL A 151 13.14 -3.09 -7.12
N PRO A 152 13.25 -1.86 -6.58
CA PRO A 152 13.27 -1.74 -5.14
C PRO A 152 11.99 -2.30 -4.56
N TYR A 153 12.09 -2.94 -3.40
CA TYR A 153 10.90 -3.57 -2.80
C TYR A 153 11.02 -3.50 -1.30
N ALA A 154 9.88 -3.62 -0.63
CA ALA A 154 9.85 -3.79 0.83
C ALA A 154 8.55 -4.49 1.18
N THR A 155 8.50 -5.03 2.39
CA THR A 155 7.45 -5.94 2.80
C THR A 155 6.66 -5.25 3.93
N ARG A 156 5.37 -5.52 4.03
CA ARG A 156 4.61 -5.10 5.20
C ARG A 156 5.16 -5.73 6.46
N SER A 157 5.10 -4.99 7.56
CA SER A 157 5.42 -5.54 8.86
C SER A 157 4.19 -5.94 9.65
N ILE A 158 3.26 -5.02 9.84
CA ILE A 158 1.83 -5.37 9.90
C ILE A 158 0.86 -4.60 9.03
N PHE A 159 -0.38 -5.05 8.99
CA PHE A 159 -1.24 -5.11 10.17
C PHE A 159 -1.78 -3.99 11.02
N LEU A 160 -2.40 -2.99 10.41
CA LEU A 160 -2.94 -1.90 11.20
C LEU A 160 -4.39 -2.10 11.63
N ASP A 161 -5.05 -3.08 11.02
CA ASP A 161 -6.38 -2.92 10.49
C ASP A 161 -6.84 -4.33 10.29
N ASN A 162 -8.14 -4.59 10.27
CA ASN A 162 -8.62 -5.84 9.68
C ASN A 162 -10.10 -5.82 9.31
N THR A 163 -10.51 -6.91 8.67
CA THR A 163 -11.86 -7.12 8.20
C THR A 163 -12.94 -6.60 9.17
N HIS A 164 -12.66 -6.69 10.48
CA HIS A 164 -13.62 -6.35 11.53
C HIS A 164 -13.07 -5.42 12.66
N SER A 165 -12.19 -4.48 12.28
CA SER A 165 -11.40 -3.70 13.25
C SER A 165 -12.07 -2.52 13.95
N SER A 166 -11.61 -2.29 15.17
CA SER A 166 -12.08 -1.25 16.08
C SER A 166 -10.98 -0.19 16.34
N ARG A 167 -11.40 1.02 16.73
CA ARG A 167 -10.52 2.13 17.18
C ARG A 167 -9.42 1.68 18.18
N LYS A 168 -9.80 0.88 19.18
CA LYS A 168 -8.85 0.39 20.18
C LYS A 168 -7.83 -0.53 19.54
N GLU A 169 -8.34 -1.49 18.78
CA GLU A 169 -7.51 -2.47 18.08
C GLU A 169 -6.46 -1.78 17.19
N VAL A 170 -6.82 -0.64 16.59
CA VAL A 170 -5.88 0.10 15.73
C VAL A 170 -4.80 0.81 16.55
N ILE A 171 -5.20 1.42 17.65
CA ILE A 171 -4.25 1.96 18.60
C ILE A 171 -3.28 0.85 19.04
N LYS A 172 -3.79 -0.33 19.33
CA LYS A 172 -2.93 -1.44 19.76
C LYS A 172 -1.90 -1.81 18.69
N ASN A 173 -2.24 -1.62 17.42
CA ASN A 173 -1.29 -1.96 16.37
C ASN A 173 -0.34 -0.83 16.00
N MET A 174 -0.78 0.42 16.22
CA MET A 174 0.10 1.59 16.11
C MET A 174 1.25 1.50 17.13
N ARG A 175 0.93 1.07 18.35
CA ARG A 175 1.94 0.86 19.38
C ARG A 175 2.89 -0.30 19.10
N LYS A 176 2.40 -1.37 18.48
CA LYS A 176 3.24 -2.46 17.99
C LYS A 176 4.18 -1.89 16.95
N LEU A 177 3.60 -1.23 15.95
CA LEU A 177 4.37 -0.47 14.97
C LEU A 177 5.45 0.41 15.62
N ALA A 178 5.07 1.09 16.70
CA ALA A 178 6.00 1.89 17.48
C ALA A 178 7.16 1.06 18.04
N LYS A 179 6.87 -0.14 18.55
CA LYS A 179 7.92 -1.03 19.10
C LYS A 179 8.99 -1.30 18.04
N LYS A 180 8.56 -1.74 16.86
CA LYS A 180 9.46 -2.06 15.75
C LYS A 180 10.28 -0.86 15.28
N ALA A 181 9.67 0.31 15.32
CA ALA A 181 10.32 1.56 14.96
C ALA A 181 11.38 2.04 15.94
N LYS A 182 11.08 2.01 17.25
CA LYS A 182 12.06 2.40 18.23
C LYS A 182 13.25 1.45 18.12
N GLN A 183 12.97 0.20 17.73
CA GLN A 183 13.98 -0.81 17.46
C GLN A 183 14.79 -0.56 16.17
N GLY A 184 14.33 0.38 15.34
CA GLY A 184 15.15 0.94 14.26
C GLY A 184 15.10 0.23 12.92
N SER A 185 14.13 -0.66 12.74
CA SER A 185 14.05 -1.49 11.55
C SER A 185 13.09 -0.91 10.49
N GLU A 186 12.58 0.30 10.79
CA GLU A 186 11.79 1.10 9.83
C GLU A 186 10.61 0.32 9.27
N PRO A 187 9.64 -0.01 10.13
CA PRO A 187 8.59 -0.90 9.67
C PRO A 187 7.57 -0.16 8.78
N ILE A 188 6.78 -0.95 8.04
CA ILE A 188 5.69 -0.45 7.25
C ILE A 188 4.37 -1.01 7.79
N GLY A 189 3.45 -0.12 8.12
CA GLY A 189 2.15 -0.54 8.62
C GLY A 189 1.16 -0.40 7.49
N ILE A 190 0.16 -1.27 7.48
CA ILE A 190 -0.86 -1.18 6.47
C ILE A 190 -2.25 -1.21 7.06
N GLY A 191 -3.00 -0.16 6.75
CA GLY A 191 -4.39 -0.03 7.12
C GLY A 191 -5.22 0.13 5.86
N HIS A 192 -6.51 0.41 6.03
CA HIS A 192 -7.52 0.31 4.96
C HIS A 192 -8.60 1.37 5.13
N VAL A 193 -9.07 1.89 4.01
CA VAL A 193 -10.32 2.60 4.00
C VAL A 193 -11.38 1.57 3.61
N GLY A 194 -12.65 1.87 3.86
CA GLY A 194 -13.69 0.89 3.60
C GLY A 194 -14.60 0.92 4.78
N VAL A 195 -15.28 -0.19 5.04
CA VAL A 195 -16.34 -0.24 6.03
C VAL A 195 -15.87 0.14 7.42
N ARG A 196 -14.64 -0.24 7.74
CA ARG A 196 -14.14 -0.08 9.10
C ARG A 196 -13.23 1.12 9.27
N GLY A 197 -13.48 2.16 8.49
CA GLY A 197 -12.42 2.94 7.89
C GLY A 197 -12.30 4.29 8.52
N ASP A 198 -13.42 4.78 9.04
CA ASP A 198 -13.39 5.85 10.04
C ASP A 198 -12.74 5.41 11.34
N GLU A 199 -12.80 4.12 11.63
CA GLU A 199 -12.24 3.58 12.86
C GLU A 199 -10.73 3.58 12.80
N THR A 200 -10.18 3.41 11.61
CA THR A 200 -8.74 3.30 11.47
C THR A 200 -8.10 4.66 11.28
N TYR A 201 -8.86 5.61 10.75
CA TYR A 201 -8.47 7.00 10.79
C TYR A 201 -8.46 7.61 12.19
N ALA A 202 -9.58 7.50 12.88
CA ALA A 202 -9.61 7.72 14.30
C ALA A 202 -8.67 6.72 14.93
N GLY A 203 -7.74 7.19 15.75
CA GLY A 203 -6.87 6.20 16.38
C GLY A 203 -5.52 6.06 15.74
N ILE A 204 -5.44 6.08 14.41
CA ILE A 204 -4.18 6.49 13.81
C ILE A 204 -3.99 7.97 14.16
N ARG A 205 -4.97 8.79 13.80
CA ARG A 205 -4.93 10.20 14.17
C ARG A 205 -4.71 10.43 15.66
N SER A 206 -5.30 9.58 16.50
CA SER A 206 -5.21 9.77 17.97
C SER A 206 -3.85 9.39 18.55
N MET A 207 -2.99 8.82 17.71
CA MET A 207 -1.69 8.31 18.15
C MET A 207 -0.53 9.19 17.68
N LEU A 208 -0.80 10.21 16.88
CA LEU A 208 0.24 11.08 16.33
C LEU A 208 1.08 11.78 17.42
N ASP A 209 0.40 12.39 18.40
CA ASP A 209 1.09 13.02 19.52
C ASP A 209 2.06 12.07 20.25
N GLU A 210 1.61 10.84 20.48
CA GLU A 210 2.42 9.85 21.17
C GLU A 210 3.66 9.49 20.33
N PHE A 211 3.46 9.32 19.02
CA PHE A 211 4.55 9.03 18.11
C PHE A 211 5.58 10.14 18.12
N GLN A 212 5.12 11.37 17.95
CA GLN A 212 5.99 12.54 18.04
C GLN A 212 6.77 12.47 19.34
N ALA A 213 6.06 12.29 20.45
CA ALA A 213 6.68 12.26 21.79
C ALA A 213 7.75 11.18 22.01
N GLU A 214 7.54 10.00 21.44
CA GLU A 214 8.54 8.94 21.45
C GLU A 214 9.46 8.98 20.19
N SER A 215 9.60 10.16 19.58
CA SER A 215 10.59 10.45 18.53
C SER A 215 10.45 9.58 17.27
N ILE A 216 9.23 9.13 17.00
CA ILE A 216 8.99 8.41 15.78
C ILE A 216 8.34 9.31 14.73
N GLN A 217 8.91 9.30 13.54
CA GLN A 217 8.45 10.13 12.45
C GLN A 217 7.83 9.30 11.38
N LEU A 218 6.65 9.70 10.93
CA LEU A 218 6.01 9.07 9.79
C LEU A 218 6.41 9.77 8.51
N VAL A 219 6.56 8.97 7.48
CA VAL A 219 7.39 9.26 6.33
C VAL A 219 6.73 8.46 5.19
N PRO A 220 6.71 9.03 3.95
CA PRO A 220 6.19 8.30 2.79
C PRO A 220 7.04 7.05 2.61
N VAL A 221 6.37 5.96 2.26
CA VAL A 221 7.02 4.66 2.22
C VAL A 221 8.24 4.69 1.31
N SER A 222 8.23 5.57 0.32
CA SER A 222 9.32 5.60 -0.65
C SER A 222 10.59 5.94 0.08
N GLN A 223 10.50 6.84 1.06
CA GLN A 223 11.71 7.29 1.77
C GLN A 223 12.40 6.17 2.52
N LEU A 224 11.70 5.07 2.71
CA LEU A 224 12.37 4.00 3.44
C LEU A 224 12.84 2.89 2.50
N LEU A 225 12.96 3.17 1.23
CA LEU A 225 13.78 2.39 0.31
C LEU A 225 15.22 3.00 0.10
N PRO A 226 16.18 2.19 -0.40
CA PRO A 226 15.96 0.92 -1.08
C PRO A 226 15.93 -0.24 -0.07
#